data_7OML
#
_entry.id   7OML
#
_cell.length_a   134.418
_cell.length_b   134.418
_cell.length_c   69.012
_cell.angle_alpha   90.000
_cell.angle_beta   90.000
_cell.angle_gamma   120.000
#
_symmetry.space_group_name_H-M   'P 32 2 1'
#
loop_
_entity.id
_entity.type
_entity.pdbx_description
1 polymer 'Phosphoglucosamine mutase'
2 non-polymer 'MAGNESIUM ION'
3 water water
#
_entity_poly.entity_id   1
_entity_poly.type   'polypeptide(L)'
_entity_poly.pdbx_seq_one_letter_code
;MGKYFGTDGVRGVANSELTPELAFKVGRFGGYVLTKDKQRPKVLIGRDTRISGHMLEGALVAGLLSIGAEVMRLGVISTP
GVSYLTKAMDAEAGVMISASHNPVQDNGIKFFGGDGFKLSDEQEAEIERLMDEPEDKLPRPVGADLGLVNDYFEGGQKYL
QFLKQTADEDFTGIHVALDCANGATSSLATHLFADLDADVSTMGTSPNGLNINDGVGSTHPEALSAFVKEKNADLGLAFD
GDGDRLIAVDEKGNIVDGDQIMYICSKHLKSEGRLKDDTVVSTVMSNLGFYKALEKEGIKSVQTAVGDRYVVEAMKKDGY
NVGGEQSGHLIFLDYNTTGDGLLSAIMLMNTLKATGKPLSELAAEMQKFPQLLVNVRVTDKYKVEENEKVKAVISEVEKE
MNGDGRILVRPSGTEPLVRVMAEAKTKELCDEYVNRIVEVVRSEMGLELVPRGSSGLEHHHHHH
;
_entity_poly.pdbx_strand_id   A
#
loop_
_chem_comp.id
_chem_comp.type
_chem_comp.name
_chem_comp.formula
MG non-polymer 'MAGNESIUM ION' 'Mg 2'
#
# COMPACT_ATOMS: atom_id res chain seq x y z
N GLY A 2 22.23 -6.72 -11.61
CA GLY A 2 22.95 -6.39 -10.39
C GLY A 2 21.98 -6.12 -9.25
N LYS A 3 21.02 -5.25 -9.54
CA LYS A 3 19.83 -5.14 -8.71
C LYS A 3 18.65 -5.07 -9.67
N TYR A 4 17.82 -6.12 -9.64
CA TYR A 4 16.53 -6.12 -10.29
C TYR A 4 15.38 -6.02 -9.29
N PHE A 5 15.63 -6.32 -8.01
CA PHE A 5 14.59 -6.27 -6.99
C PHE A 5 14.78 -5.00 -6.15
N GLY A 6 14.04 -3.95 -6.48
CA GLY A 6 13.92 -2.79 -5.62
C GLY A 6 13.02 -3.07 -4.42
N THR A 7 12.39 -2.03 -3.85
CA THR A 7 11.47 -2.25 -2.74
C THR A 7 10.11 -2.79 -3.19
N ASP A 8 9.79 -2.69 -4.49
CA ASP A 8 8.57 -3.24 -5.06
C ASP A 8 8.85 -4.50 -5.87
N GLY A 9 9.92 -5.22 -5.54
CA GLY A 9 10.34 -6.30 -6.42
C GLY A 9 10.88 -5.73 -7.73
N VAL A 10 10.43 -6.31 -8.84
CA VAL A 10 11.01 -6.06 -10.16
C VAL A 10 10.05 -5.17 -10.93
N ARG A 11 10.41 -3.92 -11.16
CA ARG A 11 9.53 -3.02 -11.90
C ARG A 11 10.20 -2.54 -13.18
N GLY A 12 9.39 -2.06 -14.08
CA GLY A 12 9.85 -1.58 -15.37
C GLY A 12 8.67 -1.26 -16.27
N VAL A 13 8.96 -0.59 -17.38
CA VAL A 13 7.96 -0.44 -18.45
C VAL A 13 7.87 -1.75 -19.22
N ALA A 14 6.65 -2.24 -19.40
CA ALA A 14 6.48 -3.59 -19.90
C ALA A 14 6.88 -3.68 -21.37
N ASN A 15 7.77 -4.63 -21.67
CA ASN A 15 8.31 -4.97 -22.99
C ASN A 15 9.57 -4.17 -23.32
N SER A 16 9.66 -2.91 -22.88
CA SER A 16 10.88 -2.11 -23.05
C SER A 16 11.96 -2.53 -22.05
N GLU A 17 11.69 -2.33 -20.76
CA GLU A 17 12.62 -2.58 -19.67
C GLU A 17 12.31 -3.91 -18.99
N LEU A 18 11.05 -4.08 -18.55
CA LEU A 18 10.61 -5.36 -18.01
C LEU A 18 10.10 -6.19 -19.19
N THR A 19 11.04 -6.91 -19.82
CA THR A 19 10.80 -7.70 -21.00
C THR A 19 10.26 -9.09 -20.61
N PRO A 20 9.44 -9.70 -21.48
CA PRO A 20 9.05 -11.10 -21.25
C PRO A 20 10.26 -12.03 -21.09
N GLU A 21 11.40 -11.65 -21.67
CA GLU A 21 12.64 -12.39 -21.46
C GLU A 21 13.05 -12.40 -19.99
N LEU A 22 12.97 -11.23 -19.34
CA LEU A 22 13.35 -11.16 -17.93
C LEU A 22 12.35 -11.91 -17.07
N ALA A 23 11.05 -11.74 -17.33
CA ALA A 23 10.03 -12.45 -16.56
C ALA A 23 10.22 -13.96 -16.65
N PHE A 24 10.79 -14.45 -17.75
CA PHE A 24 11.10 -15.87 -17.83
C PHE A 24 12.24 -16.24 -16.91
N LYS A 25 13.37 -15.52 -17.01
CA LYS A 25 14.49 -15.82 -16.13
C LYS A 25 14.09 -15.67 -14.67
N VAL A 26 13.29 -14.64 -14.35
CA VAL A 26 12.81 -14.50 -12.97
C VAL A 26 12.06 -15.75 -12.53
N GLY A 27 11.06 -16.15 -13.31
CA GLY A 27 10.33 -17.35 -12.97
C GLY A 27 11.20 -18.60 -12.94
N ARG A 28 12.18 -18.69 -13.85
CA ARG A 28 12.99 -19.90 -13.94
C ARG A 28 14.01 -19.97 -12.80
N PHE A 29 14.76 -18.88 -12.58
CA PHE A 29 15.69 -18.86 -11.45
C PHE A 29 14.97 -18.76 -10.12
N GLY A 30 13.88 -17.99 -10.08
CA GLY A 30 13.11 -17.89 -8.85
C GLY A 30 12.61 -19.23 -8.36
N GLY A 31 12.05 -20.03 -9.25
CA GLY A 31 11.61 -21.35 -8.84
C GLY A 31 12.76 -22.26 -8.46
N TYR A 32 13.96 -22.02 -9.03
CA TYR A 32 15.12 -22.77 -8.58
C TYR A 32 15.42 -22.48 -7.13
N VAL A 33 15.59 -21.20 -6.79
CA VAL A 33 15.88 -20.82 -5.40
C VAL A 33 14.87 -21.43 -4.45
N LEU A 34 13.62 -21.57 -4.89
CA LEU A 34 12.64 -22.24 -4.06
C LEU A 34 12.66 -23.73 -4.22
N THR A 35 13.55 -24.27 -5.05
CA THR A 35 13.53 -25.72 -5.19
C THR A 35 14.34 -26.41 -4.09
N LYS A 36 14.98 -25.65 -3.19
CA LYS A 36 15.71 -26.26 -2.08
C LYS A 36 14.78 -26.86 -1.03
N ASP A 37 13.55 -26.36 -0.89
CA ASP A 37 12.53 -27.06 -0.08
C ASP A 37 12.03 -28.29 -0.82
N LYS A 38 10.76 -28.27 -1.21
CA LYS A 38 10.21 -29.20 -2.18
C LYS A 38 11.07 -29.16 -3.45
N GLN A 39 11.08 -30.26 -4.21
CA GLN A 39 11.54 -30.19 -5.59
C GLN A 39 10.39 -30.07 -6.57
N ARG A 40 9.14 -30.04 -6.07
CA ARG A 40 7.98 -29.54 -6.81
C ARG A 40 7.34 -28.46 -5.96
N PRO A 41 7.95 -27.28 -5.92
CA PRO A 41 7.41 -26.18 -5.10
C PRO A 41 6.09 -25.67 -5.66
N LYS A 42 5.09 -25.53 -4.79
CA LYS A 42 3.81 -24.94 -5.18
C LYS A 42 3.94 -23.41 -5.20
N VAL A 43 3.63 -22.77 -6.33
CA VAL A 43 3.76 -21.33 -6.48
C VAL A 43 2.46 -20.77 -7.03
N LEU A 44 1.97 -19.70 -6.41
CA LEU A 44 0.77 -19.03 -6.88
C LEU A 44 1.12 -17.80 -7.70
N ILE A 45 0.42 -17.58 -8.80
CA ILE A 45 0.55 -16.34 -9.56
C ILE A 45 -0.79 -15.62 -9.53
N GLY A 46 -0.72 -14.30 -9.30
CA GLY A 46 -1.86 -13.45 -9.48
C GLY A 46 -1.45 -12.27 -10.34
N ARG A 47 -2.43 -11.51 -10.78
CA ARG A 47 -2.12 -10.33 -11.58
C ARG A 47 -3.26 -9.33 -11.41
N ASP A 48 -2.95 -8.08 -11.78
CA ASP A 48 -4.00 -7.09 -11.96
C ASP A 48 -4.43 -7.05 -13.44
N THR A 49 -5.20 -6.03 -13.80
CA THR A 49 -5.86 -6.03 -15.10
C THR A 49 -5.02 -5.38 -16.20
N ARG A 50 -3.76 -5.05 -15.92
CA ARG A 50 -2.85 -4.56 -16.96
C ARG A 50 -2.77 -5.54 -18.12
N ILE A 51 -2.94 -4.99 -19.34
CA ILE A 51 -2.81 -5.74 -20.57
C ILE A 51 -1.49 -6.53 -20.61
N SER A 52 -0.41 -5.95 -20.07
CA SER A 52 0.87 -6.66 -20.13
C SER A 52 0.94 -7.80 -19.13
N GLY A 53 -0.03 -7.87 -18.21
CA GLY A 53 0.00 -8.94 -17.23
C GLY A 53 0.02 -10.28 -17.91
N HIS A 54 -0.73 -10.41 -19.02
CA HIS A 54 -0.81 -11.67 -19.73
C HIS A 54 0.51 -12.04 -20.34
N MET A 55 1.14 -11.10 -21.03
CA MET A 55 2.46 -11.40 -21.58
C MET A 55 3.41 -11.82 -20.48
N LEU A 56 3.39 -11.10 -19.35
CA LEU A 56 4.34 -11.46 -18.31
C LEU A 56 3.94 -12.74 -17.62
N GLU A 57 2.65 -12.96 -17.36
CA GLU A 57 2.25 -14.20 -16.72
C GLU A 57 2.67 -15.42 -17.55
N GLY A 58 2.49 -15.37 -18.86
CA GLY A 58 2.88 -16.50 -19.69
C GLY A 58 4.36 -16.79 -19.59
N ALA A 59 5.19 -15.77 -19.85
CA ALA A 59 6.63 -15.95 -19.80
C ALA A 59 7.06 -16.41 -18.41
N LEU A 60 6.46 -15.84 -17.37
CA LEU A 60 6.87 -16.19 -16.01
C LEU A 60 6.44 -17.62 -15.67
N VAL A 61 5.22 -18.00 -16.04
CA VAL A 61 4.77 -19.37 -15.83
C VAL A 61 5.67 -20.35 -16.57
N ALA A 62 6.11 -19.98 -17.78
CA ALA A 62 6.98 -20.88 -18.53
C ALA A 62 8.25 -21.20 -17.74
N GLY A 63 8.90 -20.18 -17.17
CA GLY A 63 10.10 -20.42 -16.38
C GLY A 63 9.85 -21.27 -15.15
N LEU A 64 8.69 -21.09 -14.53
CA LEU A 64 8.40 -21.88 -13.34
C LEU A 64 8.18 -23.34 -13.71
N LEU A 65 7.65 -23.62 -14.89
CA LEU A 65 7.43 -25.01 -15.30
C LEU A 65 8.69 -25.65 -15.86
N SER A 66 9.68 -24.84 -16.30
CA SER A 66 10.95 -25.36 -16.79
C SER A 66 11.92 -25.78 -15.69
N ILE A 67 11.57 -25.62 -14.40
CA ILE A 67 12.38 -26.17 -13.31
C ILE A 67 11.50 -27.00 -12.39
N GLY A 68 10.30 -27.30 -12.84
CA GLY A 68 9.49 -28.31 -12.19
C GLY A 68 8.52 -27.82 -11.15
N ALA A 69 8.36 -26.51 -10.98
CA ALA A 69 7.44 -26.00 -9.98
C ALA A 69 6.00 -26.35 -10.34
N GLU A 70 5.18 -26.61 -9.32
CA GLU A 70 3.74 -26.73 -9.52
C GLU A 70 3.11 -25.33 -9.47
N VAL A 71 2.51 -24.87 -10.58
CA VAL A 71 2.06 -23.48 -10.75
C VAL A 71 0.55 -23.40 -10.59
N MET A 72 0.06 -22.43 -9.82
CA MET A 72 -1.39 -22.26 -9.66
C MET A 72 -1.81 -20.87 -10.10
N ARG A 73 -2.27 -20.76 -11.33
CA ARG A 73 -2.76 -19.48 -11.80
C ARG A 73 -3.97 -19.06 -10.97
N LEU A 74 -3.99 -17.80 -10.56
CA LEU A 74 -5.11 -17.28 -9.78
C LEU A 74 -6.03 -16.41 -10.59
N GLY A 75 -5.60 -15.95 -11.76
CA GLY A 75 -6.37 -14.94 -12.46
C GLY A 75 -6.08 -13.58 -11.88
N VAL A 76 -7.04 -12.68 -12.00
CA VAL A 76 -6.84 -11.32 -11.48
C VAL A 76 -7.38 -11.26 -10.05
N ILE A 77 -6.51 -10.85 -9.13
CA ILE A 77 -6.81 -10.85 -7.71
C ILE A 77 -5.93 -9.79 -7.08
N SER A 78 -6.37 -9.24 -5.95
CA SER A 78 -5.58 -8.21 -5.30
C SER A 78 -4.34 -8.82 -4.64
N THR A 79 -3.27 -8.01 -4.52
CA THR A 79 -2.07 -8.43 -3.79
C THR A 79 -2.36 -9.02 -2.41
N PRO A 80 -3.22 -8.41 -1.57
CA PRO A 80 -3.66 -9.11 -0.36
C PRO A 80 -4.15 -10.52 -0.63
N GLY A 81 -4.98 -10.70 -1.66
CA GLY A 81 -5.47 -12.03 -1.99
C GLY A 81 -4.35 -13.04 -2.15
N VAL A 82 -3.31 -12.68 -2.89
CA VAL A 82 -2.16 -13.57 -3.06
C VAL A 82 -1.55 -13.88 -1.70
N SER A 83 -1.17 -12.85 -0.95
CA SER A 83 -0.58 -13.05 0.38
CA SER A 83 -0.56 -13.06 0.37
C SER A 83 -1.44 -13.99 1.21
N TYR A 84 -2.73 -13.68 1.35
CA TYR A 84 -3.61 -14.56 2.11
C TYR A 84 -3.58 -15.97 1.57
N LEU A 85 -3.75 -16.13 0.26
CA LEU A 85 -3.94 -17.46 -0.31
C LEU A 85 -2.69 -18.31 -0.19
N THR A 86 -1.50 -17.74 -0.46
CA THR A 86 -0.28 -18.56 -0.35
C THR A 86 -0.13 -19.13 1.05
N LYS A 87 -0.30 -18.31 2.08
CA LYS A 87 -0.18 -18.82 3.45
C LYS A 87 -1.29 -19.81 3.76
N ALA A 88 -2.50 -19.57 3.25
CA ALA A 88 -3.65 -20.43 3.58
C ALA A 88 -3.65 -21.73 2.80
N MET A 89 -2.67 -21.97 1.94
CA MET A 89 -2.58 -23.20 1.17
C MET A 89 -1.15 -23.69 1.14
N ASP A 90 -0.42 -23.45 2.22
CA ASP A 90 0.97 -23.88 2.39
C ASP A 90 1.76 -23.92 1.09
N ALA A 91 1.65 -22.88 0.29
CA ALA A 91 2.48 -22.81 -0.90
C ALA A 91 3.87 -22.30 -0.55
N GLU A 92 4.83 -22.60 -1.42
CA GLU A 92 6.18 -22.14 -1.13
C GLU A 92 6.36 -20.68 -1.50
N ALA A 93 5.57 -20.17 -2.44
CA ALA A 93 5.68 -18.76 -2.81
C ALA A 93 4.39 -18.28 -3.47
N GLY A 94 4.30 -16.96 -3.61
CA GLY A 94 3.24 -16.30 -4.33
C GLY A 94 3.85 -15.16 -5.13
N VAL A 95 3.45 -15.04 -6.39
CA VAL A 95 3.92 -13.98 -7.26
C VAL A 95 2.73 -13.08 -7.53
N MET A 96 2.96 -11.78 -7.57
CA MET A 96 1.92 -10.86 -8.01
C MET A 96 2.48 -10.03 -9.14
N ILE A 97 1.78 -10.06 -10.27
CA ILE A 97 2.18 -9.26 -11.43
C ILE A 97 1.30 -8.02 -11.42
N SER A 98 1.90 -6.89 -11.07
CA SER A 98 1.20 -5.61 -11.03
C SER A 98 2.23 -4.53 -10.76
N ALA A 99 1.83 -3.28 -11.05
CA ALA A 99 2.59 -2.08 -10.70
C ALA A 99 1.74 -1.09 -9.90
N SER A 100 0.76 -1.61 -9.14
CA SER A 100 0.00 -0.84 -8.15
C SER A 100 -0.82 0.27 -8.80
N HIS A 101 -0.47 1.53 -8.50
CA HIS A 101 -1.17 2.76 -8.89
C HIS A 101 -0.51 3.45 -10.07
N ASN A 102 0.51 2.84 -10.65
CA ASN A 102 1.27 3.39 -11.76
C ASN A 102 0.48 3.36 -13.07
N PRO A 103 0.92 4.09 -14.09
CA PRO A 103 0.22 4.08 -15.37
C PRO A 103 0.33 2.71 -16.04
N VAL A 104 -0.53 2.53 -17.04
CA VAL A 104 -0.77 1.18 -17.56
C VAL A 104 0.47 0.59 -18.26
N GLN A 105 1.36 1.42 -18.84
CA GLN A 105 2.50 0.87 -19.59
C GLN A 105 3.49 0.15 -18.69
N ASP A 106 3.41 0.38 -17.37
CA ASP A 106 4.33 -0.15 -16.38
C ASP A 106 3.77 -1.44 -15.76
N ASN A 107 4.67 -2.36 -15.43
CA ASN A 107 4.26 -3.56 -14.70
C ASN A 107 5.38 -3.97 -13.75
N GLY A 108 5.08 -4.95 -12.89
CA GLY A 108 6.07 -5.41 -11.94
C GLY A 108 5.81 -6.83 -11.45
N ILE A 109 6.87 -7.43 -10.89
CA ILE A 109 6.80 -8.78 -10.33
C ILE A 109 7.22 -8.70 -8.86
N LYS A 110 6.36 -9.19 -7.97
CA LYS A 110 6.59 -9.13 -6.55
C LYS A 110 6.43 -10.53 -5.98
N PHE A 111 7.33 -10.94 -5.09
CA PHE A 111 7.34 -12.29 -4.54
C PHE A 111 6.96 -12.34 -3.07
N PHE A 112 6.21 -13.37 -2.70
CA PHE A 112 5.87 -13.66 -1.32
C PHE A 112 6.41 -15.03 -0.98
N GLY A 113 7.12 -15.14 0.14
CA GLY A 113 7.47 -16.43 0.66
C GLY A 113 6.27 -17.09 1.32
N GLY A 114 6.51 -18.30 1.83
CA GLY A 114 5.42 -19.12 2.36
C GLY A 114 4.69 -18.52 3.55
N ASP A 115 5.34 -17.63 4.30
CA ASP A 115 4.66 -17.00 5.43
C ASP A 115 3.66 -15.92 5.01
N GLY A 116 3.59 -15.57 3.72
CA GLY A 116 2.79 -14.45 3.30
C GLY A 116 3.47 -13.10 3.41
N PHE A 117 4.67 -13.06 3.96
CA PHE A 117 5.46 -11.85 3.87
C PHE A 117 6.32 -11.92 2.62
N LYS A 118 6.92 -10.78 2.27
CA LYS A 118 7.86 -10.71 1.17
C LYS A 118 8.90 -11.81 1.28
N LEU A 119 9.51 -12.15 0.15
CA LEU A 119 10.56 -13.16 0.15
C LEU A 119 11.73 -12.71 1.01
N SER A 120 12.36 -13.66 1.71
CA SER A 120 13.51 -13.33 2.54
C SER A 120 14.54 -12.59 1.69
N ASP A 121 15.28 -11.67 2.34
CA ASP A 121 16.19 -10.82 1.59
C ASP A 121 17.39 -11.56 1.06
N GLU A 122 17.76 -12.69 1.68
CA GLU A 122 18.85 -13.51 1.17
C GLU A 122 18.40 -14.43 0.04
N GLN A 123 17.12 -14.86 0.04
CA GLN A 123 16.60 -15.59 -1.12
C GLN A 123 16.60 -14.71 -2.37
N GLU A 124 16.08 -13.49 -2.26
CA GLU A 124 16.16 -12.58 -3.40
C GLU A 124 17.60 -12.36 -3.83
N ALA A 125 18.54 -12.39 -2.88
CA ALA A 125 19.95 -12.26 -3.23
C ALA A 125 20.39 -13.35 -4.19
N GLU A 126 20.18 -14.62 -3.80
CA GLU A 126 20.62 -15.74 -4.64
C GLU A 126 20.06 -15.66 -6.05
N ILE A 127 18.78 -15.27 -6.18
CA ILE A 127 18.20 -15.08 -7.51
C ILE A 127 19.04 -14.12 -8.33
N GLU A 128 19.34 -12.95 -7.75
CA GLU A 128 20.09 -11.95 -8.50
C GLU A 128 21.47 -12.46 -8.90
N ARG A 129 22.10 -13.28 -8.03
CA ARG A 129 23.43 -13.79 -8.35
C ARG A 129 23.38 -14.81 -9.49
N LEU A 130 22.24 -15.48 -9.67
CA LEU A 130 22.09 -16.39 -10.81
C LEU A 130 21.81 -15.65 -12.10
N MET A 131 21.11 -14.52 -12.04
CA MET A 131 20.75 -13.82 -13.26
C MET A 131 21.88 -13.00 -13.85
N ASP A 132 23.04 -12.98 -13.20
CA ASP A 132 24.19 -12.31 -13.76
C ASP A 132 25.26 -13.28 -14.26
N GLU A 133 25.13 -14.58 -14.00
CA GLU A 133 25.93 -15.53 -14.75
C GLU A 133 25.40 -15.58 -16.19
N PRO A 134 26.26 -15.66 -17.21
CA PRO A 134 25.78 -15.68 -18.60
C PRO A 134 25.46 -17.06 -19.15
N GLU A 135 25.65 -18.12 -18.36
CA GLU A 135 25.42 -19.49 -18.79
C GLU A 135 24.43 -20.15 -17.84
N ASP A 136 23.19 -20.36 -18.31
CA ASP A 136 22.19 -21.12 -17.57
C ASP A 136 22.63 -22.58 -17.57
N LYS A 137 23.19 -23.04 -16.46
CA LYS A 137 23.49 -24.46 -16.29
C LYS A 137 22.57 -25.08 -15.24
N LEU A 138 21.35 -24.55 -15.12
CA LEU A 138 20.35 -25.08 -14.22
C LEU A 138 19.68 -26.29 -14.85
N PRO A 139 19.08 -27.15 -14.02
CA PRO A 139 18.43 -28.36 -14.56
C PRO A 139 17.37 -28.06 -15.61
N ARG A 140 17.09 -29.06 -16.44
CA ARG A 140 16.02 -28.98 -17.44
C ARG A 140 15.25 -30.29 -17.38
N PRO A 141 14.34 -30.43 -16.42
CA PRO A 141 13.50 -31.63 -16.35
C PRO A 141 12.74 -31.87 -17.65
N VAL A 142 12.47 -33.14 -17.92
CA VAL A 142 11.92 -33.63 -19.17
C VAL A 142 10.81 -34.60 -18.82
N GLY A 143 9.85 -34.76 -19.73
CA GLY A 143 8.82 -35.77 -19.50
C GLY A 143 7.96 -35.43 -18.30
N ALA A 144 7.87 -36.33 -17.33
CA ALA A 144 7.00 -36.07 -16.17
C ALA A 144 7.68 -35.24 -15.08
N ASP A 145 9.01 -35.10 -15.11
CA ASP A 145 9.70 -34.18 -14.20
C ASP A 145 9.42 -32.72 -14.51
N LEU A 146 8.77 -32.44 -15.64
CA LEU A 146 8.45 -31.06 -15.97
C LEU A 146 7.38 -30.52 -15.04
N GLY A 147 7.37 -29.19 -14.88
CA GLY A 147 6.39 -28.55 -14.03
C GLY A 147 4.96 -28.79 -14.50
N LEU A 148 4.06 -28.64 -13.55
CA LEU A 148 2.66 -29.00 -13.73
C LEU A 148 1.79 -27.85 -13.25
N VAL A 149 0.72 -27.57 -13.97
CA VAL A 149 -0.13 -26.43 -13.68
C VAL A 149 -1.55 -26.90 -13.44
N ASN A 150 -2.10 -26.59 -12.26
CA ASN A 150 -3.53 -26.69 -12.04
C ASN A 150 -4.05 -25.33 -11.60
N ASP A 151 -4.92 -24.75 -12.43
CA ASP A 151 -5.47 -23.44 -12.16
C ASP A 151 -6.41 -23.47 -10.95
N TYR A 152 -6.52 -22.30 -10.34
CA TYR A 152 -7.34 -22.11 -9.16
C TYR A 152 -8.03 -20.75 -9.29
N PHE A 153 -8.80 -20.56 -10.37
CA PHE A 153 -9.50 -19.28 -10.49
C PHE A 153 -10.59 -19.12 -9.43
N GLU A 154 -10.87 -20.18 -8.67
CA GLU A 154 -11.80 -20.18 -7.56
C GLU A 154 -11.20 -19.52 -6.31
N GLY A 155 -9.91 -19.22 -6.31
CA GLY A 155 -9.26 -18.70 -5.11
C GLY A 155 -9.80 -17.34 -4.66
N GLY A 156 -10.18 -16.49 -5.61
CA GLY A 156 -10.86 -15.27 -5.23
C GLY A 156 -12.04 -15.52 -4.33
N GLN A 157 -12.88 -16.51 -4.67
CA GLN A 157 -14.04 -16.79 -3.84
C GLN A 157 -13.64 -17.20 -2.43
N LYS A 158 -12.49 -17.85 -2.28
CA LYS A 158 -12.04 -18.22 -0.93
C LYS A 158 -11.64 -16.99 -0.13
N TYR A 159 -10.67 -16.23 -0.65
CA TYR A 159 -10.31 -14.95 -0.07
C TYR A 159 -11.54 -14.10 0.24
N LEU A 160 -12.52 -14.13 -0.66
CA LEU A 160 -13.72 -13.35 -0.45
C LEU A 160 -14.48 -13.84 0.76
N GLN A 161 -14.56 -15.16 0.95
CA GLN A 161 -15.32 -15.73 2.05
C GLN A 161 -14.61 -15.54 3.38
N PHE A 162 -13.29 -15.40 3.34
CA PHE A 162 -12.56 -15.12 4.55
C PHE A 162 -12.78 -13.68 4.99
N LEU A 163 -12.73 -12.74 4.05
CA LEU A 163 -13.04 -11.34 4.36
C LEU A 163 -14.44 -11.23 4.90
N LYS A 164 -15.39 -11.92 4.28
CA LYS A 164 -16.77 -11.83 4.70
C LYS A 164 -16.93 -12.27 6.14
N GLN A 165 -16.05 -13.15 6.62
CA GLN A 165 -16.13 -13.63 8.00
C GLN A 165 -15.58 -12.65 9.02
N THR A 166 -14.83 -11.63 8.60
CA THR A 166 -14.36 -10.59 9.51
C THR A 166 -15.34 -9.43 9.64
N ALA A 167 -16.45 -9.46 8.91
CA ALA A 167 -17.49 -8.46 9.09
C ALA A 167 -18.25 -8.77 10.39
N ASP A 168 -18.34 -7.77 11.26
CA ASP A 168 -18.98 -7.99 12.55
C ASP A 168 -20.49 -8.21 12.41
N GLU A 169 -21.09 -7.76 11.33
CA GLU A 169 -22.51 -7.99 11.07
C GLU A 169 -22.84 -7.43 9.70
N ASP A 170 -23.95 -7.89 9.15
CA ASP A 170 -24.41 -7.42 7.85
C ASP A 170 -24.47 -5.90 7.81
N PHE A 171 -24.07 -5.34 6.67
CA PHE A 171 -24.06 -3.88 6.50
C PHE A 171 -25.37 -3.37 5.92
N THR A 172 -26.50 -3.89 6.39
CA THR A 172 -27.77 -3.49 5.81
C THR A 172 -28.06 -2.02 6.06
N GLY A 173 -28.69 -1.36 5.10
CA GLY A 173 -29.06 0.03 5.25
C GLY A 173 -28.00 1.05 4.89
N ILE A 174 -26.79 0.62 4.57
CA ILE A 174 -25.67 1.51 4.25
C ILE A 174 -25.51 1.58 2.73
N HIS A 175 -25.55 2.78 2.18
CA HIS A 175 -25.31 2.98 0.76
C HIS A 175 -23.85 3.33 0.56
N VAL A 176 -23.10 2.44 -0.09
CA VAL A 176 -21.66 2.56 -0.25
C VAL A 176 -21.36 2.69 -1.74
N ALA A 177 -20.39 3.53 -2.07
CA ALA A 177 -19.93 3.70 -3.44
C ALA A 177 -18.50 3.20 -3.56
N LEU A 178 -18.19 2.52 -4.66
CA LEU A 178 -16.88 1.89 -4.84
C LEU A 178 -16.20 2.46 -6.07
N ASP A 179 -14.92 2.81 -5.90
CA ASP A 179 -14.02 3.12 -7.02
C ASP A 179 -12.92 2.09 -6.96
N CYS A 180 -12.90 1.19 -7.93
CA CYS A 180 -11.98 0.07 -7.91
C CYS A 180 -10.80 0.28 -8.85
N ALA A 181 -10.58 1.50 -9.29
CA ALA A 181 -9.44 1.89 -10.11
C ALA A 181 -9.37 1.13 -11.43
N ASN A 182 -10.43 0.41 -11.81
CA ASN A 182 -10.41 -0.53 -12.94
C ASN A 182 -9.29 -1.54 -12.77
N GLY A 183 -9.14 -2.05 -11.56
CA GLY A 183 -8.02 -2.91 -11.25
C GLY A 183 -8.41 -4.20 -10.55
N ALA A 184 -7.48 -4.75 -9.75
CA ALA A 184 -7.59 -6.12 -9.28
C ALA A 184 -8.86 -6.36 -8.46
N THR A 185 -9.34 -5.32 -7.79
CA THR A 185 -10.51 -5.45 -6.92
C THR A 185 -11.84 -5.28 -7.64
N SER A 186 -11.84 -5.11 -8.98
CA SER A 186 -13.09 -4.73 -9.66
C SER A 186 -14.20 -5.73 -9.43
N SER A 187 -13.90 -7.03 -9.55
CA SER A 187 -14.94 -8.04 -9.33
C SER A 187 -15.03 -8.45 -7.86
N LEU A 188 -13.92 -8.34 -7.14
CA LEU A 188 -13.92 -8.78 -5.75
C LEU A 188 -14.80 -7.86 -4.91
N ALA A 189 -14.60 -6.55 -5.05
CA ALA A 189 -15.25 -5.62 -4.14
C ALA A 189 -16.76 -5.65 -4.29
N THR A 190 -17.25 -5.63 -5.54
CA THR A 190 -18.69 -5.57 -5.75
C THR A 190 -19.39 -6.82 -5.20
N HIS A 191 -18.78 -8.01 -5.38
CA HIS A 191 -19.37 -9.20 -4.81
C HIS A 191 -19.31 -9.19 -3.30
N LEU A 192 -18.23 -8.63 -2.73
CA LEU A 192 -18.07 -8.65 -1.28
C LEU A 192 -19.12 -7.81 -0.57
N PHE A 193 -19.39 -6.60 -1.05
CA PHE A 193 -20.30 -5.72 -0.33
C PHE A 193 -21.75 -5.97 -0.68
N ALA A 194 -22.04 -6.39 -1.91
CA ALA A 194 -23.38 -6.87 -2.21
C ALA A 194 -23.74 -8.06 -1.33
N ASP A 195 -22.78 -8.97 -1.12
CA ASP A 195 -23.00 -10.17 -0.31
C ASP A 195 -23.21 -9.84 1.17
N LEU A 196 -22.75 -8.69 1.64
CA LEU A 196 -23.01 -8.25 3.00
C LEU A 196 -24.22 -7.31 3.06
N ASP A 197 -25.04 -7.34 2.01
CA ASP A 197 -26.31 -6.62 1.90
C ASP A 197 -26.15 -5.13 2.22
N ALA A 198 -25.26 -4.48 1.50
CA ALA A 198 -25.24 -3.03 1.44
C ALA A 198 -25.75 -2.59 0.07
N ASP A 199 -26.20 -1.35 0.00
CA ASP A 199 -26.60 -0.80 -1.29
C ASP A 199 -25.35 -0.25 -1.97
N VAL A 200 -25.07 -0.73 -3.18
CA VAL A 200 -23.74 -0.58 -3.76
C VAL A 200 -23.85 0.10 -5.11
N SER A 201 -23.28 1.30 -5.23
CA SER A 201 -23.06 1.98 -6.50
C SER A 201 -21.60 1.84 -6.90
N THR A 202 -21.31 1.63 -8.18
CA THR A 202 -19.93 1.34 -8.57
C THR A 202 -19.45 2.24 -9.69
N MET A 203 -18.13 2.43 -9.72
CA MET A 203 -17.44 3.12 -10.79
C MET A 203 -16.01 2.63 -10.79
N GLY A 204 -15.33 2.80 -11.92
CA GLY A 204 -14.02 2.20 -12.08
C GLY A 204 -13.99 0.70 -11.89
N THR A 205 -15.08 0.01 -12.24
CA THR A 205 -15.13 -1.44 -12.16
C THR A 205 -15.30 -2.08 -13.53
N SER A 206 -14.94 -1.37 -14.59
CA SER A 206 -15.03 -1.89 -15.95
C SER A 206 -13.64 -1.94 -16.52
N PRO A 207 -12.79 -2.81 -16.01
CA PRO A 207 -11.41 -2.85 -16.49
C PRO A 207 -11.39 -3.41 -17.90
N ASN A 208 -10.42 -2.92 -18.68
CA ASN A 208 -10.21 -3.45 -20.02
C ASN A 208 -8.72 -3.53 -20.39
N GLY A 209 -7.82 -3.51 -19.42
CA GLY A 209 -6.41 -3.67 -19.71
C GLY A 209 -5.69 -2.38 -19.98
N LEU A 210 -6.42 -1.32 -20.33
CA LEU A 210 -5.85 -0.02 -20.62
C LEU A 210 -6.17 1.04 -19.57
N ASN A 211 -7.25 0.88 -18.80
CA ASN A 211 -7.85 1.97 -18.06
C ASN A 211 -7.58 1.88 -16.54
N ILE A 212 -6.52 1.20 -16.14
CA ILE A 212 -6.22 1.03 -14.73
C ILE A 212 -5.63 2.33 -14.19
N ASN A 213 -6.20 2.81 -13.07
CA ASN A 213 -5.79 4.08 -12.44
C ASN A 213 -5.86 5.27 -13.37
N ASP A 214 -6.81 5.26 -14.30
CA ASP A 214 -7.00 6.36 -15.24
C ASP A 214 -8.05 7.29 -14.66
N GLY A 215 -7.61 8.24 -13.85
CA GLY A 215 -8.55 9.13 -13.19
C GLY A 215 -9.51 8.39 -12.28
N VAL A 216 -9.08 7.28 -11.70
CA VAL A 216 -9.87 6.53 -10.76
C VAL A 216 -8.91 5.93 -9.75
N GLY A 217 -9.47 5.45 -8.65
CA GLY A 217 -8.68 4.72 -7.68
C GLY A 217 -8.13 5.61 -6.58
N SER A 218 -7.44 4.94 -5.66
CA SER A 218 -7.02 5.55 -4.42
C SER A 218 -6.31 6.88 -4.64
N THR A 219 -5.48 6.97 -5.68
CA THR A 219 -4.62 8.14 -5.90
C THR A 219 -5.27 9.24 -6.73
N HIS A 220 -6.44 8.99 -7.33
CA HIS A 220 -7.19 10.01 -8.06
C HIS A 220 -8.60 10.08 -7.48
N PRO A 221 -8.73 10.44 -6.20
CA PRO A 221 -10.00 10.26 -5.49
C PRO A 221 -11.07 11.27 -5.89
N GLU A 222 -10.69 12.29 -6.68
CA GLU A 222 -11.59 13.39 -6.98
C GLU A 222 -12.85 12.92 -7.69
N ALA A 223 -12.73 11.92 -8.57
CA ALA A 223 -13.91 11.38 -9.24
C ALA A 223 -14.86 10.74 -8.24
N LEU A 224 -14.33 9.93 -7.32
CA LEU A 224 -15.18 9.29 -6.32
C LEU A 224 -15.85 10.32 -5.43
N SER A 225 -15.16 11.43 -5.16
CA SER A 225 -15.77 12.53 -4.44
C SER A 225 -17.05 13.02 -5.13
N ALA A 226 -16.95 13.29 -6.43
CA ALA A 226 -18.14 13.67 -7.20
C ALA A 226 -19.22 12.60 -7.13
N PHE A 227 -18.83 11.34 -7.39
CA PHE A 227 -19.79 10.24 -7.53
C PHE A 227 -20.56 9.97 -6.25
N VAL A 228 -19.96 10.26 -5.09
CA VAL A 228 -20.64 10.05 -3.81
C VAL A 228 -21.72 11.10 -3.60
N LYS A 229 -21.36 12.37 -3.80
CA LYS A 229 -22.34 13.44 -3.73
C LYS A 229 -23.47 13.24 -4.74
N GLU A 230 -23.12 12.76 -5.95
CA GLU A 230 -24.13 12.55 -7.00
C GLU A 230 -25.13 11.45 -6.64
N LYS A 231 -24.68 10.38 -5.99
CA LYS A 231 -25.56 9.27 -5.65
C LYS A 231 -26.00 9.28 -4.20
N ASN A 232 -25.69 10.36 -3.47
CA ASN A 232 -26.10 10.52 -2.06
C ASN A 232 -25.77 9.27 -1.25
N ALA A 233 -24.49 8.90 -1.27
CA ALA A 233 -23.99 7.70 -0.61
C ALA A 233 -23.53 8.03 0.79
N ASP A 234 -23.52 6.98 1.63
CA ASP A 234 -23.02 7.15 2.99
C ASP A 234 -21.51 7.35 3.00
N LEU A 235 -20.78 6.64 2.14
CA LEU A 235 -19.35 6.85 1.97
C LEU A 235 -18.89 6.25 0.66
N GLY A 236 -17.67 6.63 0.25
CA GLY A 236 -17.03 6.05 -0.91
C GLY A 236 -15.72 5.37 -0.52
N LEU A 237 -15.39 4.30 -1.23
CA LEU A 237 -14.16 3.56 -0.99
C LEU A 237 -13.37 3.51 -2.28
N ALA A 238 -12.10 3.91 -2.24
CA ALA A 238 -11.28 3.98 -3.45
C ALA A 238 -10.04 3.13 -3.24
N PHE A 239 -10.06 1.91 -3.78
CA PHE A 239 -8.88 1.06 -3.76
C PHE A 239 -7.94 1.46 -4.88
N ASP A 240 -6.69 1.03 -4.78
CA ASP A 240 -5.77 1.29 -5.87
C ASP A 240 -5.66 0.07 -6.79
N GLY A 241 -4.68 0.10 -7.70
CA GLY A 241 -4.66 -0.83 -8.81
C GLY A 241 -4.57 -2.30 -8.40
N ASP A 242 -3.89 -2.58 -7.29
CA ASP A 242 -3.73 -3.95 -6.82
C ASP A 242 -4.45 -4.21 -5.51
N GLY A 243 -5.21 -3.26 -4.99
CA GLY A 243 -6.06 -3.53 -3.85
C GLY A 243 -5.37 -3.53 -2.49
N ASP A 244 -4.17 -2.95 -2.37
CA ASP A 244 -3.56 -2.86 -1.06
C ASP A 244 -3.80 -1.52 -0.38
N ARG A 245 -4.21 -0.48 -1.09
CA ARG A 245 -4.50 0.80 -0.47
C ARG A 245 -6.00 1.03 -0.37
N LEU A 246 -6.40 1.86 0.58
CA LEU A 246 -7.77 2.34 0.69
C LEU A 246 -7.76 3.81 1.04
N ILE A 247 -8.51 4.60 0.28
CA ILE A 247 -8.83 5.98 0.64
C ILE A 247 -10.34 6.11 0.63
N ALA A 248 -10.89 6.75 1.65
CA ALA A 248 -12.34 6.87 1.77
C ALA A 248 -12.82 8.28 1.46
N VAL A 249 -14.14 8.40 1.37
CA VAL A 249 -14.84 9.64 1.03
C VAL A 249 -16.11 9.67 1.89
N ASP A 250 -16.31 10.77 2.63
CA ASP A 250 -17.47 10.88 3.50
C ASP A 250 -18.71 11.31 2.70
N GLU A 251 -19.85 11.37 3.39
CA GLU A 251 -21.11 11.72 2.71
C GLU A 251 -21.08 13.14 2.14
N LYS A 252 -20.33 14.04 2.76
CA LYS A 252 -20.15 15.39 2.24
C LYS A 252 -19.04 15.48 1.21
N GLY A 253 -18.44 14.35 0.84
CA GLY A 253 -17.50 14.31 -0.26
C GLY A 253 -16.03 14.58 0.06
N ASN A 254 -15.66 14.70 1.35
CA ASN A 254 -14.27 15.02 1.69
C ASN A 254 -13.40 13.77 1.76
N ILE A 255 -12.14 13.93 1.34
CA ILE A 255 -11.23 12.80 1.34
C ILE A 255 -10.86 12.46 2.77
N VAL A 256 -10.84 11.16 3.08
CA VAL A 256 -10.44 10.61 4.37
C VAL A 256 -9.19 9.77 4.12
N ASP A 257 -8.01 10.27 4.51
CA ASP A 257 -6.76 9.62 4.14
C ASP A 257 -6.43 8.45 5.08
N GLY A 258 -5.22 7.90 4.93
CA GLY A 258 -4.87 6.72 5.70
C GLY A 258 -4.64 7.00 7.16
N ASP A 259 -4.12 8.19 7.49
CA ASP A 259 -4.03 8.59 8.89
C ASP A 259 -5.40 8.54 9.55
N GLN A 260 -6.41 9.09 8.90
CA GLN A 260 -7.71 9.15 9.57
C GLN A 260 -8.36 7.78 9.66
N ILE A 261 -8.22 6.96 8.62
CA ILE A 261 -8.73 5.59 8.69
C ILE A 261 -8.07 4.85 9.84
N MET A 262 -6.74 4.91 9.89
CA MET A 262 -6.02 4.27 10.99
C MET A 262 -6.58 4.73 12.34
N TYR A 263 -6.74 6.03 12.51
CA TYR A 263 -7.38 6.54 13.72
C TYR A 263 -8.74 5.89 13.95
N ILE A 264 -9.64 6.05 12.97
CA ILE A 264 -11.02 5.60 13.14
C ILE A 264 -11.09 4.12 13.53
N CYS A 265 -10.28 3.28 12.89
CA CYS A 265 -10.34 1.86 13.16
C CYS A 265 -9.64 1.47 14.44
N SER A 266 -8.41 1.96 14.65
CA SER A 266 -7.68 1.59 15.85
C SER A 266 -8.44 2.02 17.10
N LYS A 267 -9.14 3.15 17.04
CA LYS A 267 -10.00 3.56 18.13
C LYS A 267 -11.20 2.63 18.26
N HIS A 268 -11.65 2.06 17.15
CA HIS A 268 -12.74 1.09 17.24
C HIS A 268 -12.24 -0.20 17.88
N LEU A 269 -11.04 -0.63 17.52
CA LEU A 269 -10.49 -1.86 18.07
C LEU A 269 -10.15 -1.71 19.55
N LYS A 270 -9.58 -0.57 19.95
CA LYS A 270 -9.40 -0.30 21.37
C LYS A 270 -10.73 -0.39 22.10
N SER A 271 -11.80 0.11 21.47
CA SER A 271 -13.10 0.11 22.13
C SER A 271 -13.62 -1.30 22.40
N GLU A 272 -13.13 -2.30 21.66
CA GLU A 272 -13.57 -3.68 21.81
C GLU A 272 -12.53 -4.57 22.48
N GLY A 273 -11.46 -3.98 22.99
CA GLY A 273 -10.41 -4.77 23.61
C GLY A 273 -9.52 -5.49 22.65
N ARG A 274 -9.62 -5.21 21.36
CA ARG A 274 -8.94 -6.02 20.35
C ARG A 274 -7.66 -5.37 19.84
N LEU A 275 -7.42 -4.11 20.15
CA LEU A 275 -6.18 -3.46 19.74
C LEU A 275 -5.12 -3.85 20.75
N LYS A 276 -4.00 -4.41 20.31
CA LYS A 276 -3.13 -5.06 21.29
C LYS A 276 -2.03 -4.15 21.77
N ASP A 277 -1.93 -4.04 23.10
CA ASP A 277 -1.17 -3.05 23.86
C ASP A 277 -1.68 -1.63 23.65
N ASP A 278 -2.88 -1.51 23.09
CA ASP A 278 -3.43 -0.24 22.58
C ASP A 278 -2.31 0.62 22.01
N THR A 279 -1.59 0.02 21.04
CA THR A 279 -0.53 0.65 20.28
C THR A 279 -0.89 0.60 18.79
N VAL A 280 -0.31 1.54 18.03
CA VAL A 280 -0.51 1.66 16.60
C VAL A 280 0.82 2.07 15.98
N VAL A 281 1.29 1.29 15.00
CA VAL A 281 2.53 1.60 14.29
C VAL A 281 2.21 2.47 13.09
N SER A 282 3.04 3.50 12.86
CA SER A 282 2.89 4.39 11.73
C SER A 282 4.26 4.85 11.26
N THR A 283 4.27 5.53 10.12
CA THR A 283 5.49 6.10 9.56
C THR A 283 5.61 7.56 9.98
N VAL A 284 6.79 8.13 9.70
CA VAL A 284 7.01 9.55 9.94
C VAL A 284 6.22 10.42 8.99
N MET A 285 5.68 9.85 7.92
CA MET A 285 4.84 10.55 6.97
C MET A 285 3.51 10.99 7.57
N SER A 286 3.26 10.71 8.84
CA SER A 286 1.93 10.89 9.37
C SER A 286 1.75 12.30 9.94
N ASN A 287 0.53 12.80 9.80
CA ASN A 287 0.18 14.16 10.20
C ASN A 287 0.24 14.30 11.72
N LEU A 288 0.73 15.45 12.17
CA LEU A 288 0.99 15.61 13.60
C LEU A 288 -0.26 15.40 14.43
N GLY A 289 -1.40 15.89 13.95
CA GLY A 289 -2.65 15.78 14.69
C GLY A 289 -3.18 14.37 14.77
N PHE A 290 -2.57 13.41 14.06
CA PHE A 290 -2.91 12.01 14.23
C PHE A 290 -2.31 11.48 15.52
N TYR A 291 -1.08 11.89 15.84
CA TYR A 291 -0.49 11.58 17.12
C TYR A 291 -1.23 12.26 18.26
N LYS A 292 -1.54 13.55 18.09
CA LYS A 292 -2.34 14.25 19.08
C LYS A 292 -3.63 13.48 19.35
N ALA A 293 -4.34 13.09 18.30
CA ALA A 293 -5.59 12.37 18.50
C ALA A 293 -5.39 11.03 19.17
N LEU A 294 -4.21 10.42 18.99
CA LEU A 294 -3.93 9.15 19.65
C LEU A 294 -3.76 9.33 21.16
N GLU A 295 -2.97 10.31 21.59
CA GLU A 295 -2.78 10.56 23.03
C GLU A 295 -4.10 10.85 23.73
N LYS A 296 -4.99 11.61 23.09
CA LYS A 296 -6.28 11.93 23.69
C LYS A 296 -7.18 10.70 23.84
N GLU A 297 -6.93 9.61 23.11
CA GLU A 297 -7.67 8.36 23.31
C GLU A 297 -6.81 7.28 23.95
N GLY A 298 -5.66 7.63 24.50
CA GLY A 298 -4.87 6.67 25.24
C GLY A 298 -4.35 5.53 24.41
N ILE A 299 -3.99 5.81 23.16
CA ILE A 299 -3.37 4.83 22.28
C ILE A 299 -1.91 5.22 22.09
N LYS A 300 -1.01 4.35 22.56
CA LYS A 300 0.41 4.55 22.36
C LYS A 300 0.73 4.45 20.87
N SER A 301 1.86 5.00 20.45
CA SER A 301 2.21 4.86 19.05
C SER A 301 3.69 4.58 18.87
N VAL A 302 4.01 3.69 17.93
CA VAL A 302 5.37 3.46 17.44
C VAL A 302 5.47 4.04 16.03
N GLN A 303 6.54 4.80 15.79
CA GLN A 303 6.76 5.47 14.51
C GLN A 303 7.98 4.89 13.82
N THR A 304 7.91 4.68 12.52
CA THR A 304 9.00 4.06 11.78
C THR A 304 9.33 4.85 10.53
N ALA A 305 10.36 4.40 9.82
CA ALA A 305 10.73 5.01 8.56
C ALA A 305 9.72 4.63 7.48
N VAL A 306 9.70 5.41 6.39
CA VAL A 306 8.72 5.18 5.33
C VAL A 306 9.00 3.85 4.66
N GLY A 307 7.92 3.16 4.28
CA GLY A 307 8.13 1.88 3.59
C GLY A 307 7.38 0.79 4.33
N ASP A 308 6.60 0.01 3.58
CA ASP A 308 5.85 -1.10 4.13
C ASP A 308 6.76 -2.00 4.98
N ARG A 309 7.97 -2.28 4.49
CA ARG A 309 8.83 -3.27 5.15
C ARG A 309 9.19 -2.87 6.58
N TYR A 310 9.38 -1.58 6.85
CA TYR A 310 9.69 -1.17 8.21
C TYR A 310 8.46 -1.21 9.11
N VAL A 311 7.29 -0.79 8.60
CA VAL A 311 6.08 -0.84 9.41
C VAL A 311 5.76 -2.27 9.79
N VAL A 312 5.99 -3.21 8.88
CA VAL A 312 5.63 -4.58 9.23
C VAL A 312 6.69 -5.20 10.14
N GLU A 313 7.96 -4.82 9.97
CA GLU A 313 9.01 -5.32 10.84
C GLU A 313 8.79 -4.85 12.27
N ALA A 314 8.38 -3.60 12.42
CA ALA A 314 8.12 -3.04 13.75
C ALA A 314 6.99 -3.78 14.46
N MET A 315 5.87 -3.99 13.76
CA MET A 315 4.76 -4.72 14.37
C MET A 315 5.16 -6.13 14.74
N LYS A 316 5.98 -6.77 13.89
CA LYS A 316 6.36 -8.17 14.12
C LYS A 316 7.21 -8.29 15.37
N LYS A 317 8.16 -7.38 15.57
CA LYS A 317 9.06 -7.48 16.73
C LYS A 317 8.26 -7.55 18.02
N ASP A 318 7.29 -6.67 18.19
CA ASP A 318 6.63 -6.48 19.48
C ASP A 318 5.14 -6.75 19.41
N GLY A 319 4.72 -7.66 18.53
CA GLY A 319 3.37 -8.19 18.55
C GLY A 319 2.27 -7.19 18.28
N TYR A 320 2.52 -6.17 17.47
CA TYR A 320 1.57 -5.09 17.35
C TYR A 320 0.48 -5.43 16.35
N ASN A 321 -0.69 -4.92 16.62
CA ASN A 321 -1.90 -5.41 16.01
C ASN A 321 -2.25 -4.72 14.71
N VAL A 322 -1.79 -3.47 14.54
CA VAL A 322 -2.31 -2.51 13.60
C VAL A 322 -1.20 -1.57 13.20
N GLY A 323 -1.05 -1.32 11.90
CA GLY A 323 -0.02 -0.43 11.45
C GLY A 323 -0.43 0.16 10.12
N GLY A 324 0.32 1.16 9.65
CA GLY A 324 -0.14 1.79 8.45
C GLY A 324 0.54 3.09 8.09
N GLU A 325 0.41 3.50 6.84
CA GLU A 325 0.91 4.76 6.35
C GLU A 325 -0.26 5.63 5.92
N GLN A 326 0.06 6.90 5.73
CA GLN A 326 -0.96 7.85 5.30
C GLN A 326 -1.51 7.54 3.91
N SER A 327 -0.82 6.72 3.12
CA SER A 327 -1.21 6.49 1.74
C SER A 327 -2.48 5.64 1.63
N GLY A 328 -2.87 4.98 2.69
CA GLY A 328 -3.97 4.03 2.67
C GLY A 328 -3.54 2.61 2.93
N HIS A 329 -2.23 2.36 2.99
CA HIS A 329 -1.68 1.05 3.26
C HIS A 329 -1.79 0.75 4.77
N LEU A 330 -2.66 -0.17 5.14
CA LEU A 330 -2.92 -0.48 6.54
C LEU A 330 -2.78 -1.98 6.75
N ILE A 331 -2.10 -2.38 7.81
CA ILE A 331 -1.89 -3.79 8.07
C ILE A 331 -2.64 -4.18 9.32
N PHE A 332 -3.45 -5.21 9.21
CA PHE A 332 -4.21 -5.75 10.32
C PHE A 332 -3.65 -7.16 10.53
N LEU A 333 -2.52 -7.22 11.25
CA LEU A 333 -1.74 -8.45 11.34
C LEU A 333 -2.53 -9.62 11.90
N ASP A 334 -3.62 -9.35 12.64
CA ASP A 334 -4.55 -10.42 13.02
C ASP A 334 -5.11 -11.17 11.81
N TYR A 335 -5.17 -10.55 10.63
CA TYR A 335 -5.88 -11.16 9.52
C TYR A 335 -5.04 -11.31 8.25
N ASN A 336 -4.08 -10.42 8.03
CA ASN A 336 -3.36 -10.51 6.77
C ASN A 336 -2.00 -9.86 6.93
N THR A 337 -1.03 -10.39 6.21
CA THR A 337 0.37 -10.06 6.40
C THR A 337 0.81 -8.87 5.56
N THR A 338 -0.07 -8.27 4.77
CA THR A 338 0.26 -7.11 3.97
C THR A 338 -0.93 -6.17 4.00
N GLY A 339 -0.72 -4.95 3.49
CA GLY A 339 -1.82 -4.01 3.41
C GLY A 339 -2.96 -4.60 2.60
N ASP A 340 -4.18 -4.34 3.03
CA ASP A 340 -5.35 -4.97 2.39
C ASP A 340 -6.46 -3.93 2.32
N GLY A 341 -6.69 -3.38 1.12
CA GLY A 341 -7.72 -2.37 0.96
C GLY A 341 -9.09 -2.83 1.42
N LEU A 342 -9.53 -3.98 0.94
CA LEU A 342 -10.86 -4.47 1.30
C LEU A 342 -10.96 -4.72 2.79
N LEU A 343 -9.91 -5.25 3.38
CA LEU A 343 -9.90 -5.46 4.82
C LEU A 343 -10.06 -4.13 5.56
N SER A 344 -9.25 -3.12 5.20
CA SER A 344 -9.44 -1.78 5.77
C SER A 344 -10.89 -1.36 5.63
N ALA A 345 -11.45 -1.52 4.44
CA ALA A 345 -12.82 -1.10 4.18
C ALA A 345 -13.79 -1.80 5.13
N ILE A 346 -13.60 -3.08 5.42
CA ILE A 346 -14.54 -3.79 6.27
C ILE A 346 -14.43 -3.29 7.71
N MET A 347 -13.20 -3.07 8.19
CA MET A 347 -13.02 -2.49 9.52
C MET A 347 -13.68 -1.12 9.61
N LEU A 348 -13.57 -0.34 8.54
CA LEU A 348 -14.23 0.95 8.51
C LEU A 348 -15.74 0.80 8.56
N MET A 349 -16.31 -0.06 7.71
CA MET A 349 -17.74 -0.30 7.76
C MET A 349 -18.17 -0.80 9.13
N ASN A 350 -17.36 -1.68 9.74
CA ASN A 350 -17.65 -2.15 11.10
C ASN A 350 -17.89 -0.97 12.04
N THR A 351 -16.97 0.00 12.03
CA THR A 351 -17.10 1.20 12.84
C THR A 351 -18.36 2.00 12.51
N LEU A 352 -18.65 2.17 11.21
CA LEU A 352 -19.84 2.93 10.82
C LEU A 352 -21.11 2.35 11.41
N LYS A 353 -21.19 1.02 11.51
CA LYS A 353 -22.42 0.41 11.96
C LYS A 353 -22.41 0.11 13.45
N ALA A 354 -21.22 0.01 14.06
CA ALA A 354 -21.15 -0.17 15.50
C ALA A 354 -21.49 1.10 16.26
N THR A 355 -21.09 2.26 15.73
CA THR A 355 -21.35 3.54 16.38
C THR A 355 -22.52 4.29 15.78
N GLY A 356 -23.05 3.86 14.64
CA GLY A 356 -24.18 4.54 14.04
C GLY A 356 -23.92 5.98 13.62
N LYS A 357 -22.72 6.51 13.90
CA LYS A 357 -22.35 7.84 13.44
C LYS A 357 -22.03 7.85 11.95
N PRO A 358 -22.12 9.00 11.29
CA PRO A 358 -21.64 9.12 9.91
C PRO A 358 -20.12 9.23 9.85
N LEU A 359 -19.58 8.85 8.69
CA LEU A 359 -18.13 8.89 8.53
C LEU A 359 -17.58 10.31 8.67
N SER A 360 -18.37 11.34 8.33
CA SER A 360 -17.94 12.70 8.59
C SER A 360 -17.56 12.88 10.05
N GLU A 361 -18.44 12.44 10.95
CA GLU A 361 -18.23 12.67 12.38
C GLU A 361 -17.03 11.88 12.90
N LEU A 362 -16.87 10.62 12.46
CA LEU A 362 -15.78 9.80 12.97
C LEU A 362 -14.42 10.32 12.52
N ALA A 363 -14.34 10.87 11.30
CA ALA A 363 -13.11 11.47 10.84
C ALA A 363 -12.85 12.82 11.48
N ALA A 364 -13.88 13.47 12.03
CA ALA A 364 -13.70 14.75 12.70
C ALA A 364 -12.85 14.63 13.95
N GLU A 365 -12.95 13.50 14.65
CA GLU A 365 -12.32 13.36 15.96
C GLU A 365 -10.80 13.39 15.88
N MET A 366 -10.24 13.32 14.67
CA MET A 366 -8.81 13.51 14.45
C MET A 366 -8.63 14.78 13.64
N GLN A 367 -8.14 15.84 14.29
CA GLN A 367 -7.96 17.15 13.63
C GLN A 367 -6.59 17.16 12.94
N LYS A 368 -6.59 17.19 11.61
CA LYS A 368 -5.33 17.27 10.84
C LYS A 368 -4.68 18.65 11.00
N PHE A 369 -3.37 18.66 11.22
CA PHE A 369 -2.71 19.95 11.27
C PHE A 369 -2.42 20.45 9.84
N PRO A 370 -2.67 21.73 9.56
CA PRO A 370 -2.32 22.29 8.25
C PRO A 370 -0.82 22.19 7.99
N GLN A 371 -0.46 22.03 6.72
CA GLN A 371 0.93 22.00 6.30
C GLN A 371 1.17 23.11 5.29
N LEU A 372 2.43 23.45 5.11
CA LEU A 372 2.80 24.50 4.17
C LEU A 372 4.20 24.22 3.65
N LEU A 373 4.35 24.27 2.34
CA LEU A 373 5.64 24.07 1.72
C LEU A 373 6.02 25.35 0.99
N VAL A 374 7.29 25.73 1.09
CA VAL A 374 7.83 26.84 0.30
C VAL A 374 9.15 26.38 -0.29
N ASN A 375 9.38 26.71 -1.55
CA ASN A 375 10.55 26.25 -2.29
C ASN A 375 11.47 27.42 -2.55
N VAL A 376 12.68 27.34 -2.01
CA VAL A 376 13.63 28.45 -2.09
C VAL A 376 14.75 28.03 -3.03
N ARG A 377 14.82 28.68 -4.19
CA ARG A 377 15.97 28.53 -5.08
C ARG A 377 17.21 29.01 -4.36
N VAL A 378 18.25 28.18 -4.33
CA VAL A 378 19.45 28.49 -3.58
C VAL A 378 20.67 28.12 -4.40
N THR A 379 21.74 28.87 -4.23
CA THR A 379 23.02 28.48 -4.82
C THR A 379 23.70 27.48 -3.90
N ASP A 380 23.86 26.25 -4.40
CA ASP A 380 24.19 25.02 -3.69
C ASP A 380 23.27 24.73 -2.48
N LYS A 381 22.33 23.80 -2.70
CA LYS A 381 21.35 23.32 -1.74
C LYS A 381 21.90 22.33 -0.73
N TYR A 382 23.19 22.03 -0.78
CA TYR A 382 23.75 21.02 0.10
C TYR A 382 24.56 21.60 1.25
N LYS A 383 24.81 22.91 1.27
CA LYS A 383 25.46 23.53 2.41
C LYS A 383 24.47 24.36 3.21
N VAL A 384 23.35 23.74 3.51
CA VAL A 384 22.42 24.28 4.48
C VAL A 384 22.12 23.27 5.59
N GLU A 385 22.50 22.01 5.43
CA GLU A 385 22.48 21.05 6.54
C GLU A 385 23.03 21.68 7.81
N GLU A 386 24.21 22.29 7.73
CA GLU A 386 24.71 23.12 8.80
C GLU A 386 24.77 24.57 8.34
N ASN A 387 24.49 25.46 9.28
CA ASN A 387 24.63 26.90 9.08
C ASN A 387 24.27 27.53 10.42
N GLU A 388 25.19 28.30 11.00
CA GLU A 388 24.90 28.89 12.30
C GLU A 388 23.65 29.77 12.24
N LYS A 389 23.35 30.35 11.09
CA LYS A 389 22.16 31.20 11.06
C LYS A 389 20.90 30.43 10.68
N VAL A 390 21.01 29.41 9.83
CA VAL A 390 19.82 28.65 9.45
C VAL A 390 19.54 27.56 10.48
N LYS A 391 20.55 26.82 10.91
CA LYS A 391 20.26 25.79 11.88
C LYS A 391 19.79 26.38 13.20
N ALA A 392 20.16 27.62 13.48
CA ALA A 392 19.71 28.28 14.71
C ALA A 392 18.24 28.67 14.62
N VAL A 393 17.85 29.35 13.54
CA VAL A 393 16.47 29.82 13.41
C VAL A 393 15.52 28.63 13.41
N ILE A 394 16.01 27.44 13.07
CA ILE A 394 15.12 26.29 13.06
C ILE A 394 14.89 25.81 14.49
N SER A 395 15.97 25.54 15.23
CA SER A 395 15.83 25.12 16.62
C SER A 395 15.00 26.12 17.42
N GLU A 396 15.20 27.41 17.17
CA GLU A 396 14.35 28.42 17.79
C GLU A 396 12.88 28.15 17.48
N VAL A 397 12.55 28.03 16.18
CA VAL A 397 11.16 27.83 15.76
C VAL A 397 10.59 26.55 16.34
N GLU A 398 11.43 25.51 16.48
CA GLU A 398 10.91 24.24 16.98
C GLU A 398 10.46 24.37 18.43
N LYS A 399 11.34 24.83 19.33
CA LYS A 399 10.98 24.83 20.74
C LYS A 399 9.86 25.84 21.01
N GLU A 400 9.80 26.93 20.22
CA GLU A 400 8.65 27.82 20.27
C GLU A 400 7.34 27.06 20.02
N MET A 401 7.30 26.27 18.92
CA MET A 401 6.15 25.40 18.65
C MET A 401 5.80 24.54 19.84
N ASN A 402 6.82 23.99 20.50
CA ASN A 402 6.72 23.17 21.70
C ASN A 402 5.76 22.00 21.50
N GLY A 403 6.10 21.15 20.53
CA GLY A 403 5.37 19.93 20.30
C GLY A 403 4.01 20.08 19.65
N ASP A 404 3.54 21.29 19.37
CA ASP A 404 2.32 21.49 18.59
C ASP A 404 2.64 22.00 17.20
N GLY A 405 3.73 21.48 16.64
CA GLY A 405 4.19 21.86 15.33
C GLY A 405 5.42 21.05 15.00
N ARG A 406 5.87 21.18 13.77
CA ARG A 406 6.99 20.38 13.28
C ARG A 406 7.63 21.10 12.11
N ILE A 407 8.95 21.04 12.00
CA ILE A 407 9.67 21.60 10.86
C ILE A 407 10.34 20.47 10.10
N LEU A 408 10.54 20.70 8.80
CA LEU A 408 11.34 19.83 7.98
C LEU A 408 11.91 20.64 6.83
N VAL A 409 13.23 20.56 6.64
CA VAL A 409 13.96 21.21 5.56
C VAL A 409 14.87 20.16 4.92
N ARG A 410 14.63 19.86 3.65
CA ARG A 410 15.45 18.89 2.94
C ARG A 410 15.72 19.38 1.52
N PRO A 411 16.97 19.38 1.08
CA PRO A 411 17.27 19.81 -0.28
C PRO A 411 16.56 18.91 -1.27
N SER A 412 16.01 19.55 -2.30
CA SER A 412 15.52 18.79 -3.45
C SER A 412 16.67 18.01 -4.07
N GLY A 413 16.35 16.88 -4.68
CA GLY A 413 17.37 16.16 -5.41
C GLY A 413 17.39 16.58 -6.88
N THR A 414 16.19 16.74 -7.42
CA THR A 414 16.03 17.00 -8.85
C THR A 414 16.63 18.35 -9.25
N GLU A 415 16.56 19.35 -8.38
CA GLU A 415 16.70 20.76 -8.75
C GLU A 415 17.58 21.54 -7.79
N PRO A 416 17.96 22.81 -8.15
CA PRO A 416 18.82 23.62 -7.26
C PRO A 416 18.01 24.49 -6.29
N LEU A 417 17.32 23.83 -5.37
CA LEU A 417 16.47 24.54 -4.44
C LEU A 417 16.26 23.66 -3.22
N VAL A 418 15.70 24.27 -2.16
N VAL A 418 15.69 24.26 -2.17
CA VAL A 418 15.45 23.57 -0.91
CA VAL A 418 15.47 23.58 -0.91
C VAL A 418 13.98 23.72 -0.53
C VAL A 418 14.01 23.73 -0.50
N ARG A 419 13.46 22.69 0.14
CA ARG A 419 12.06 22.66 0.54
C ARG A 419 11.92 22.85 2.03
N VAL A 420 11.24 23.93 2.42
CA VAL A 420 10.97 24.28 3.80
C VAL A 420 9.51 23.98 4.08
N MET A 421 9.24 23.13 5.08
CA MET A 421 7.87 22.66 5.30
C MET A 421 7.53 22.68 6.79
N ALA A 422 6.43 23.35 7.14
CA ALA A 422 5.95 23.45 8.51
C ALA A 422 4.59 22.77 8.67
N GLU A 423 4.40 22.13 9.83
CA GLU A 423 3.09 21.77 10.36
C GLU A 423 2.84 22.61 11.59
N ALA A 424 1.67 23.20 11.71
CA ALA A 424 1.32 24.02 12.85
C ALA A 424 -0.16 23.82 13.10
N LYS A 425 -0.71 24.41 14.17
CA LYS A 425 -2.13 24.16 14.35
C LYS A 425 -3.04 25.07 13.55
N THR A 426 -2.53 26.14 12.91
CA THR A 426 -3.33 26.95 12.00
C THR A 426 -2.49 27.36 10.80
N LYS A 427 -3.18 27.60 9.67
CA LYS A 427 -2.49 28.07 8.47
C LYS A 427 -1.66 29.30 8.73
N GLU A 428 -2.08 30.16 9.66
CA GLU A 428 -1.35 31.40 9.88
C GLU A 428 -0.04 31.16 10.64
N LEU A 429 -0.08 30.32 11.68
CA LEU A 429 1.15 29.89 12.32
C LEU A 429 2.09 29.22 11.33
N CYS A 430 1.53 28.44 10.40
CA CYS A 430 2.33 27.88 9.32
C CYS A 430 3.02 28.98 8.52
N ASP A 431 2.26 29.97 8.05
CA ASP A 431 2.81 31.04 7.23
C ASP A 431 3.98 31.73 7.93
N GLU A 432 3.81 32.16 9.18
CA GLU A 432 4.89 32.88 9.84
C GLU A 432 6.08 31.97 10.11
N TYR A 433 5.84 30.81 10.74
CA TYR A 433 6.93 29.88 11.04
C TYR A 433 7.77 29.56 9.79
N VAL A 434 7.13 29.34 8.64
CA VAL A 434 7.88 29.08 7.43
C VAL A 434 8.62 30.33 6.97
N ASN A 435 7.94 31.48 6.97
CA ASN A 435 8.57 32.71 6.50
C ASN A 435 9.77 33.13 7.33
N ARG A 436 9.77 32.84 8.64
CA ARG A 436 10.98 33.07 9.40
C ARG A 436 12.11 32.22 8.84
N ILE A 437 11.91 30.91 8.73
CA ILE A 437 12.98 30.05 8.22
C ILE A 437 13.36 30.44 6.80
N VAL A 438 12.37 30.83 5.99
CA VAL A 438 12.64 31.05 4.57
C VAL A 438 13.47 32.30 4.35
N GLU A 439 13.18 33.36 5.10
CA GLU A 439 13.84 34.62 4.83
C GLU A 439 15.32 34.58 5.23
N VAL A 440 15.69 33.79 6.25
CA VAL A 440 17.13 33.62 6.52
C VAL A 440 17.79 32.68 5.53
N VAL A 441 17.04 31.80 4.87
CA VAL A 441 17.67 30.98 3.86
C VAL A 441 17.97 31.81 2.62
N ARG A 442 17.06 32.71 2.25
CA ARG A 442 17.35 33.64 1.17
C ARG A 442 18.49 34.59 1.53
N SER A 443 18.76 34.79 2.83
CA SER A 443 19.86 35.68 3.23
C SER A 443 21.21 35.15 2.79
N GLU A 444 21.38 33.82 2.74
CA GLU A 444 22.61 33.27 2.15
C GLU A 444 22.49 33.14 0.63
N MET A 445 21.63 32.23 0.16
CA MET A 445 21.62 31.81 -1.24
C MET A 445 20.49 32.48 -2.04
N GLY A 446 20.48 32.24 -3.35
CA GLY A 446 19.51 32.87 -4.25
C GLY A 446 19.91 32.97 -5.72
MG MG B . -0.49 -0.68 -4.39
#